data_2O8N
#
_entry.id   2O8N
#
_cell.length_a   124.312
_cell.length_b   124.312
_cell.length_c   120.677
_cell.angle_alpha   90.00
_cell.angle_beta   90.00
_cell.angle_gamma   120.00
#
_symmetry.space_group_name_H-M   'H 3 2'
#
loop_
_entity.id
_entity.type
_entity.pdbx_description
1 polymer 'ApoA-I binding protein'
2 non-polymer 'SULFATE ION'
3 non-polymer 'CHLORIDE ION'
4 water water
#
_entity_poly.entity_id   1
_entity_poly.type   'polypeptide(L)'
_entity_poly.pdbx_seq_one_letter_code
;(MSE)QQSVCRARPIWWGTQRRGSET(MSE)AGAAVKYLSQEEAQAVDQELFNEYQFSVDQL(MSE)ELAGLSCATAIAK
AYPPTS(MSE)SKSPPTVLVICGPGNNGGDGLVCARHLKLFGYQPTIYYPKRPNKPLFTGLVTQCQK(MSE)DIPFLGE
(MSE)PPEP(MSE)(MSE)VDELYELVVDAIFGFSFKGDVREPFHSILSVLSGLTVPIASIDIPSGWDVEKGNPSGIQPD
LLISLTAPKKSATHFTGRYHYLGGRFVPPALEKKYQLNLPSYPDTECVYRLQHHHHHH
;
_entity_poly.pdbx_strand_id   A
#
loop_
_chem_comp.id
_chem_comp.type
_chem_comp.name
_chem_comp.formula
CL non-polymer 'CHLORIDE ION' 'Cl -1'
SO4 non-polymer 'SULFATE ION' 'O4 S -2'
#
# COMPACT_ATOMS: atom_id res chain seq x y z
N ALA A 27 6.77 -20.28 -10.09
CA ALA A 27 5.82 -19.54 -9.21
C ALA A 27 6.62 -18.72 -8.20
N VAL A 28 6.14 -17.50 -7.95
CA VAL A 28 6.91 -16.48 -7.23
C VAL A 28 7.20 -16.96 -5.81
N LYS A 29 8.33 -16.55 -5.24
CA LYS A 29 8.63 -16.84 -3.84
C LYS A 29 7.87 -15.89 -2.91
N TYR A 30 7.34 -16.45 -1.83
CA TYR A 30 6.73 -15.64 -0.79
C TYR A 30 7.74 -15.52 0.31
N LEU A 31 8.12 -14.29 0.63
CA LEU A 31 9.23 -14.06 1.54
C LEU A 31 8.84 -14.05 3.03
N SER A 32 9.72 -14.63 3.85
CA SER A 32 9.66 -14.44 5.29
C SER A 32 10.04 -12.99 5.62
N GLN A 33 9.67 -12.55 6.83
CA GLN A 33 10.11 -11.24 7.32
C GLN A 33 11.63 -11.08 7.23
N GLU A 34 12.38 -12.09 7.67
CA GLU A 34 13.84 -12.02 7.61
C GLU A 34 14.34 -11.86 6.19
N GLU A 35 13.78 -12.63 5.24
CA GLU A 35 14.12 -12.52 3.81
C GLU A 35 13.76 -11.15 3.24
N ALA A 36 12.54 -10.69 3.50
CA ALA A 36 12.11 -9.36 3.09
C ALA A 36 13.09 -8.28 3.59
N GLN A 37 13.51 -8.37 4.85
CA GLN A 37 14.43 -7.39 5.45
C GLN A 37 15.85 -7.45 4.81
N ALA A 38 16.32 -8.66 4.48
CA ALA A 38 17.60 -8.86 3.80
C ALA A 38 17.60 -8.19 2.43
N VAL A 39 16.54 -8.43 1.67
CA VAL A 39 16.41 -7.92 0.32
C VAL A 39 16.39 -6.40 0.37
N ASP A 40 15.66 -5.86 1.32
CA ASP A 40 15.63 -4.41 1.54
C ASP A 40 16.97 -3.81 1.92
N GLN A 41 17.65 -4.47 2.84
CA GLN A 41 19.00 -4.06 3.21
C GLN A 41 19.92 -3.98 1.98
N GLU A 42 19.90 -5.01 1.13
CA GLU A 42 20.69 -5.01 -0.11
C GLU A 42 20.32 -3.83 -1.03
N LEU A 43 19.03 -3.66 -1.27
CA LEU A 43 18.59 -2.61 -2.19
C LEU A 43 19.12 -1.23 -1.81
N PHE A 44 19.04 -0.89 -0.51
CA PHE A 44 19.38 0.44 -0.06
C PHE A 44 20.83 0.61 0.35
N ASN A 45 21.55 -0.50 0.35
CA ASN A 45 22.94 -0.48 0.75
C ASN A 45 23.88 -0.84 -0.38
N GLU A 46 24.09 -2.12 -0.66
CA GLU A 46 25.01 -2.49 -1.75
C GLU A 46 24.55 -1.96 -3.14
N TYR A 47 23.26 -2.02 -3.42
CA TYR A 47 22.73 -1.54 -4.72
C TYR A 47 22.64 -0.02 -4.83
N GLN A 48 22.71 0.64 -3.69
CA GLN A 48 22.69 2.09 -3.60
C GLN A 48 21.46 2.77 -4.20
N PHE A 49 20.32 2.06 -4.20
CA PHE A 49 19.05 2.73 -4.43
C PHE A 49 18.71 3.61 -3.27
N SER A 50 18.04 4.72 -3.53
CA SER A 50 17.64 5.56 -2.43
C SER A 50 16.17 5.26 -2.07
N VAL A 51 15.82 5.56 -0.83
CA VAL A 51 14.46 5.30 -0.35
C VAL A 51 13.46 6.08 -1.18
N ASP A 52 13.69 7.37 -1.40
CA ASP A 52 12.63 8.13 -2.06
C ASP A 52 12.41 7.66 -3.52
N GLN A 53 13.47 7.09 -4.09
CA GLN A 53 13.45 6.53 -5.43
C GLN A 53 12.58 5.27 -5.51
N LEU A 54 12.86 4.27 -4.67
CA LEU A 54 12.03 3.06 -4.68
C LEU A 54 10.63 3.30 -4.11
N MSE A 55 10.52 4.21 -3.16
CA MSE A 55 9.22 4.60 -2.63
C MSE A 55 8.36 5.25 -3.73
O MSE A 55 7.18 4.98 -3.79
CB MSE A 55 9.35 5.55 -1.44
CG MSE A 55 8.01 6.02 -0.85
SE MSE A 55 8.36 6.91 0.88
CE MSE A 55 9.06 5.27 1.82
N GLU A 56 8.97 6.06 -4.60
CA GLU A 56 8.27 6.63 -5.77
C GLU A 56 7.70 5.53 -6.70
N LEU A 57 8.57 4.59 -7.09
CA LEU A 57 8.15 3.48 -7.92
C LEU A 57 7.12 2.58 -7.24
N ALA A 58 7.31 2.29 -5.95
CA ALA A 58 6.33 1.50 -5.19
C ALA A 58 4.96 2.19 -5.14
N GLY A 59 4.93 3.47 -4.82
CA GLY A 59 3.61 4.12 -4.71
C GLY A 59 2.95 4.28 -6.06
N LEU A 60 3.75 4.49 -7.10
CA LEU A 60 3.24 4.52 -8.46
C LEU A 60 2.60 3.16 -8.82
N SER A 61 3.27 2.03 -8.52
CA SER A 61 2.69 0.72 -8.73
C SER A 61 1.37 0.57 -7.96
N CYS A 62 1.31 1.09 -6.74
CA CYS A 62 0.07 0.94 -5.95
C CYS A 62 -1.09 1.66 -6.65
N ALA A 63 -0.84 2.89 -7.07
CA ALA A 63 -1.89 3.74 -7.72
C ALA A 63 -2.27 3.07 -9.01
N THR A 64 -1.27 2.49 -9.71
CA THR A 64 -1.52 1.80 -10.94
C THR A 64 -2.42 0.56 -10.74
N ALA A 65 -2.11 -0.25 -9.74
CA ALA A 65 -2.92 -1.46 -9.47
C ALA A 65 -4.36 -1.07 -9.11
N ILE A 66 -4.49 -0.02 -8.31
CA ILE A 66 -5.81 0.46 -7.92
C ILE A 66 -6.59 0.88 -9.15
N ALA A 67 -5.95 1.64 -10.04
CA ALA A 67 -6.63 2.18 -11.23
C ALA A 67 -6.98 1.07 -12.20
N LYS A 68 -6.21 -0.01 -12.20
CA LYS A 68 -6.56 -1.18 -12.98
C LYS A 68 -7.71 -2.00 -12.38
N ALA A 69 -7.70 -2.20 -11.06
CA ALA A 69 -8.73 -3.05 -10.44
C ALA A 69 -10.04 -2.28 -10.30
N TYR A 70 -9.95 -0.97 -10.07
CA TYR A 70 -11.14 -0.14 -9.91
C TYR A 70 -11.09 1.08 -10.83
N PRO A 71 -11.23 0.86 -12.15
CA PRO A 71 -11.12 2.01 -13.06
C PRO A 71 -12.22 3.04 -12.82
N PRO A 72 -11.91 4.36 -12.96
CA PRO A 72 -12.89 5.41 -12.72
C PRO A 72 -14.23 5.20 -13.39
N THR A 73 -14.23 4.65 -14.61
CA THR A 73 -15.50 4.30 -15.29
C THR A 73 -16.38 3.28 -14.52
N SER A 74 -15.75 2.36 -13.80
CA SER A 74 -16.48 1.32 -13.05
C SER A 74 -17.10 1.88 -11.75
N MSE A 75 -16.85 3.16 -11.50
CA MSE A 75 -17.23 3.78 -10.24
C MSE A 75 -18.41 4.70 -10.48
O MSE A 75 -18.50 5.31 -11.54
CB MSE A 75 -16.05 4.57 -9.70
CG MSE A 75 -14.77 3.77 -9.73
SE MSE A 75 -14.72 2.57 -8.17
CE MSE A 75 -13.55 3.68 -7.09
N SER A 76 -19.31 4.79 -9.49
CA SER A 76 -20.53 5.61 -9.64
C SER A 76 -20.34 7.12 -9.44
N LYS A 77 -19.22 7.54 -8.86
CA LYS A 77 -18.89 8.97 -8.77
C LYS A 77 -17.84 9.38 -9.79
N SER A 78 -18.15 10.48 -10.51
CA SER A 78 -17.16 11.15 -11.37
C SER A 78 -16.58 12.25 -10.51
N PRO A 79 -15.26 12.34 -10.53
CA PRO A 79 -14.13 11.63 -9.94
C PRO A 79 -14.51 10.69 -8.80
N PRO A 80 -14.02 9.44 -8.88
CA PRO A 80 -14.16 8.49 -7.78
C PRO A 80 -13.42 8.93 -6.53
N THR A 81 -14.04 8.77 -5.38
CA THR A 81 -13.42 9.20 -4.13
C THR A 81 -12.66 8.05 -3.47
N VAL A 82 -11.54 8.38 -2.84
CA VAL A 82 -10.66 7.38 -2.20
C VAL A 82 -10.11 7.99 -0.92
N LEU A 83 -10.15 7.24 0.17
CA LEU A 83 -9.49 7.67 1.42
C LEU A 83 -8.21 6.87 1.60
N VAL A 84 -7.10 7.56 1.75
CA VAL A 84 -5.82 6.87 1.85
C VAL A 84 -5.32 7.10 3.26
N ILE A 85 -5.15 6.02 4.03
CA ILE A 85 -4.83 6.18 5.45
C ILE A 85 -3.37 5.78 5.59
N CYS A 86 -2.55 6.71 6.04
CA CYS A 86 -1.10 6.52 6.04
C CYS A 86 -0.56 6.33 7.43
N GLY A 87 0.24 5.29 7.62
CA GLY A 87 0.80 4.96 8.94
C GLY A 87 2.11 5.68 9.21
N PRO A 88 2.74 5.37 10.37
CA PRO A 88 3.89 6.17 10.81
C PRO A 88 5.25 5.79 10.22
N GLY A 89 5.31 4.87 9.25
CA GLY A 89 6.60 4.42 8.70
C GLY A 89 6.63 4.50 7.18
N ASN A 90 7.42 3.64 6.55
CA ASN A 90 7.55 3.68 5.11
C ASN A 90 6.25 3.33 4.35
N ASN A 91 5.43 2.43 4.92
CA ASN A 91 4.17 2.06 4.27
C ASN A 91 3.29 3.31 4.13
N GLY A 92 3.33 4.16 5.15
CA GLY A 92 2.65 5.45 5.08
C GLY A 92 3.19 6.32 3.96
N GLY A 93 4.52 6.33 3.77
CA GLY A 93 5.13 7.05 2.65
C GLY A 93 4.66 6.56 1.30
N ASP A 94 4.69 5.22 1.10
CA ASP A 94 4.14 4.62 -0.13
C ASP A 94 2.71 5.14 -0.38
N GLY A 95 1.91 5.22 0.68
CA GLY A 95 0.55 5.78 0.61
C GLY A 95 0.45 7.20 0.11
N LEU A 96 1.37 8.04 0.59
CA LEU A 96 1.40 9.43 0.16
C LEU A 96 1.72 9.54 -1.32
N VAL A 97 2.69 8.73 -1.78
CA VAL A 97 3.07 8.75 -3.20
C VAL A 97 1.88 8.17 -4.00
N CYS A 98 1.30 7.10 -3.48
CA CYS A 98 0.07 6.50 -4.07
C CYS A 98 -1.03 7.55 -4.24
N ALA A 99 -1.34 8.31 -3.18
CA ALA A 99 -2.39 9.32 -3.30
C ALA A 99 -2.17 10.33 -4.44
N ARG A 100 -0.94 10.86 -4.52
CA ARG A 100 -0.59 11.84 -5.55
C ARG A 100 -0.75 11.26 -6.98
N HIS A 101 -0.26 10.05 -7.24
CA HIS A 101 -0.51 9.42 -8.57
C HIS A 101 -1.98 9.10 -8.84
N LEU A 102 -2.73 8.68 -7.82
CA LEU A 102 -4.18 8.48 -7.99
C LEU A 102 -4.88 9.75 -8.46
N LYS A 103 -4.51 10.89 -7.87
CA LYS A 103 -5.09 12.17 -8.32
C LYS A 103 -4.76 12.45 -9.79
N LEU A 104 -3.52 12.14 -10.19
CA LEU A 104 -3.09 12.32 -11.57
C LEU A 104 -3.85 11.33 -12.44
N PHE A 105 -4.14 10.14 -11.89
CA PHE A 105 -4.96 9.16 -12.62
C PHE A 105 -6.47 9.44 -12.64
N GLY A 106 -6.93 10.55 -12.07
CA GLY A 106 -8.36 10.87 -12.17
C GLY A 106 -9.25 10.54 -10.96
N TYR A 107 -8.63 10.12 -9.85
CA TYR A 107 -9.31 9.91 -8.56
C TYR A 107 -9.35 11.20 -7.76
N GLN A 108 -10.21 11.21 -6.75
CA GLN A 108 -10.33 12.31 -5.83
C GLN A 108 -9.94 11.80 -4.44
N PRO A 109 -8.63 11.76 -4.13
CA PRO A 109 -8.16 11.23 -2.84
C PRO A 109 -8.33 12.19 -1.67
N THR A 110 -8.55 11.63 -0.51
CA THR A 110 -8.41 12.33 0.75
C THR A 110 -7.40 11.53 1.58
N ILE A 111 -6.54 12.20 2.35
CA ILE A 111 -5.54 11.50 3.17
C ILE A 111 -5.84 11.69 4.64
N TYR A 112 -5.67 10.64 5.43
CA TYR A 112 -5.64 10.74 6.89
C TYR A 112 -4.26 10.23 7.28
N TYR A 113 -3.47 11.10 7.91
CA TYR A 113 -2.08 10.83 8.25
C TYR A 113 -1.84 11.30 9.68
N PRO A 114 -2.30 10.53 10.67
CA PRO A 114 -2.28 11.02 12.05
C PRO A 114 -0.88 11.11 12.69
N LYS A 115 0.04 10.17 12.38
CA LYS A 115 1.37 10.13 13.00
C LYS A 115 2.45 10.11 11.95
N ARG A 116 3.21 11.20 11.90
CA ARG A 116 4.16 11.46 10.84
C ARG A 116 5.57 11.52 11.36
N PRO A 117 6.51 10.78 10.74
CA PRO A 117 7.88 10.89 11.21
C PRO A 117 8.41 12.30 10.96
N ASN A 118 9.29 12.73 11.84
CA ASN A 118 9.90 14.03 11.71
C ASN A 118 11.16 13.88 10.85
N LYS A 119 10.93 13.62 9.56
CA LYS A 119 11.99 13.48 8.57
C LYS A 119 11.59 14.19 7.28
N PRO A 120 12.58 14.79 6.57
CA PRO A 120 12.26 15.53 5.33
C PRO A 120 11.62 14.66 4.27
N LEU A 121 11.98 13.37 4.22
CA LEU A 121 11.31 12.50 3.27
C LEU A 121 9.81 12.66 3.38
N PHE A 122 9.28 12.58 4.59
CA PHE A 122 7.82 12.55 4.79
C PHE A 122 7.19 13.92 4.75
N THR A 123 7.89 14.92 5.26
CA THR A 123 7.32 16.26 5.22
C THR A 123 7.30 16.76 3.79
N GLY A 124 8.27 16.33 2.98
CA GLY A 124 8.26 16.67 1.55
C GLY A 124 7.08 16.02 0.80
N LEU A 125 6.90 14.71 1.00
CA LEU A 125 5.74 13.97 0.47
C LEU A 125 4.39 14.64 0.83
N VAL A 126 4.25 15.12 2.06
CA VAL A 126 3.01 15.75 2.50
C VAL A 126 2.81 17.01 1.71
N THR A 127 3.86 17.82 1.60
CA THR A 127 3.77 19.08 0.87
C THR A 127 3.37 18.83 -0.57
N GLN A 128 3.98 17.80 -1.18
CA GLN A 128 3.62 17.38 -2.54
C GLN A 128 2.12 17.08 -2.65
N CYS A 129 1.59 16.27 -1.73
CA CYS A 129 0.13 16.00 -1.73
C CYS A 129 -0.69 17.26 -1.53
N GLN A 130 -0.27 18.14 -0.61
CA GLN A 130 -0.98 19.41 -0.46
C GLN A 130 -0.97 20.24 -1.74
N LYS A 131 0.16 20.25 -2.44
CA LYS A 131 0.23 20.99 -3.72
C LYS A 131 -0.56 20.33 -4.85
N MSE A 132 -0.85 19.05 -4.70
CA MSE A 132 -1.77 18.35 -5.59
C MSE A 132 -3.23 18.65 -5.23
O MSE A 132 -4.16 18.06 -5.81
CB MSE A 132 -1.55 16.82 -5.49
CG MSE A 132 -0.23 16.32 -6.03
SE MSE A 132 -0.16 16.60 -7.97
CE MSE A 132 -1.68 15.43 -8.51
N ASP A 133 -3.47 19.53 -4.26
CA ASP A 133 -4.84 19.86 -3.79
C ASP A 133 -5.61 18.64 -3.21
N ILE A 134 -4.86 17.73 -2.59
CA ILE A 134 -5.42 16.61 -1.87
C ILE A 134 -5.63 17.02 -0.43
N PRO A 135 -6.90 16.97 0.09
CA PRO A 135 -7.11 17.40 1.47
C PRO A 135 -6.65 16.35 2.47
N PHE A 136 -6.15 16.79 3.61
CA PHE A 136 -5.81 15.90 4.75
C PHE A 136 -6.92 16.04 5.81
N LEU A 137 -7.46 14.93 6.31
CA LEU A 137 -8.44 14.97 7.41
C LEU A 137 -7.78 15.19 8.76
N GLY A 138 -8.47 15.93 9.62
CA GLY A 138 -8.04 16.10 10.99
C GLY A 138 -8.40 14.93 11.90
N GLU A 139 -9.39 14.12 11.50
CA GLU A 139 -9.79 12.98 12.31
C GLU A 139 -10.37 11.93 11.42
N MSE A 140 -10.42 10.71 11.92
CA MSE A 140 -11.01 9.61 11.18
C MSE A 140 -12.52 9.60 11.47
O MSE A 140 -12.90 9.73 12.60
CB MSE A 140 -10.36 8.31 11.70
CG MSE A 140 -10.92 7.04 11.18
SE MSE A 140 -10.06 6.71 9.53
CE MSE A 140 -11.36 5.33 8.88
N PRO A 141 -13.38 9.44 10.43
CA PRO A 141 -14.82 9.23 10.75
C PRO A 141 -14.97 8.04 11.71
N PRO A 142 -15.77 8.16 12.77
CA PRO A 142 -15.75 7.08 13.76
C PRO A 142 -16.60 5.85 13.42
N GLU A 143 -17.43 5.93 12.39
CA GLU A 143 -18.29 4.80 12.04
C GLU A 143 -18.08 4.35 10.60
N PRO A 144 -18.05 3.02 10.36
CA PRO A 144 -17.89 2.48 9.02
C PRO A 144 -18.90 3.05 8.01
N MSE A 145 -20.15 3.26 8.43
CA MSE A 145 -21.15 3.78 7.51
C MSE A 145 -20.78 5.14 6.93
O MSE A 145 -21.06 5.41 5.79
CB MSE A 145 -22.52 3.88 8.19
CG MSE A 145 -23.64 3.79 7.21
SE MSE A 145 -25.38 4.14 8.00
CE MSE A 145 -25.00 6.07 8.53
N MSE A 146 -20.15 5.97 7.73
CA MSE A 146 -19.77 7.28 7.28
C MSE A 146 -18.64 7.19 6.25
O MSE A 146 -18.70 7.84 5.20
CB MSE A 146 -19.37 8.10 8.48
CG MSE A 146 -20.57 8.15 9.45
SE MSE A 146 -20.23 9.27 11.01
CE MSE A 146 -18.65 8.47 11.60
N VAL A 147 -17.65 6.37 6.56
CA VAL A 147 -16.56 6.06 5.60
C VAL A 147 -17.18 5.56 4.29
N ASP A 148 -18.10 4.57 4.36
CA ASP A 148 -18.74 3.97 3.19
C ASP A 148 -19.40 5.04 2.33
N GLU A 149 -20.06 5.98 2.98
CA GLU A 149 -20.83 7.02 2.30
C GLU A 149 -19.96 8.08 1.60
N LEU A 150 -18.78 8.35 2.14
CA LEU A 150 -17.92 9.39 1.60
C LEU A 150 -16.86 8.91 0.57
N TYR A 151 -16.41 7.66 0.71
CA TYR A 151 -15.25 7.17 -0.04
C TYR A 151 -15.62 5.86 -0.68
N GLU A 152 -15.34 5.72 -1.97
CA GLU A 152 -15.67 4.52 -2.70
C GLU A 152 -14.64 3.42 -2.47
N LEU A 153 -13.48 3.82 -1.98
CA LEU A 153 -12.38 2.90 -1.78
C LEU A 153 -11.55 3.40 -0.65
N VAL A 154 -10.98 2.49 0.15
CA VAL A 154 -10.09 2.88 1.23
C VAL A 154 -8.72 2.25 1.02
N VAL A 155 -7.67 3.08 1.02
CA VAL A 155 -6.29 2.55 0.90
C VAL A 155 -5.68 2.41 2.28
N ASP A 156 -5.28 1.19 2.61
CA ASP A 156 -4.64 0.85 3.86
C ASP A 156 -3.14 0.94 3.63
N ALA A 157 -2.57 2.07 3.99
CA ALA A 157 -1.11 2.27 3.96
C ALA A 157 -0.61 2.46 5.38
N ILE A 158 -1.16 1.66 6.30
CA ILE A 158 -0.91 1.87 7.72
C ILE A 158 0.40 1.21 8.19
N PHE A 159 0.45 -0.12 8.20
CA PHE A 159 1.64 -0.85 8.63
C PHE A 159 2.19 -1.70 7.50
N GLY A 160 3.52 -1.80 7.46
CA GLY A 160 4.23 -2.52 6.42
C GLY A 160 4.87 -3.72 7.04
N PHE A 161 5.77 -4.35 6.30
CA PHE A 161 6.37 -5.60 6.74
C PHE A 161 7.41 -5.49 7.84
N SER A 162 7.67 -4.30 8.37
CA SER A 162 8.64 -4.21 9.46
C SER A 162 7.93 -4.24 10.83
N PHE A 163 6.65 -3.90 10.85
CA PHE A 163 5.93 -3.86 12.11
C PHE A 163 5.73 -5.24 12.71
N LYS A 164 6.04 -5.33 13.99
CA LYS A 164 6.04 -6.59 14.71
C LYS A 164 5.11 -6.43 15.91
N GLY A 165 4.62 -5.20 16.05
CA GLY A 165 3.33 -4.99 16.63
C GLY A 165 3.10 -4.04 17.77
N ASP A 166 2.55 -4.64 18.83
CA ASP A 166 1.42 -4.07 19.54
C ASP A 166 0.80 -2.82 18.84
N VAL A 167 -0.35 -3.06 18.21
CA VAL A 167 -1.07 -1.99 17.53
C VAL A 167 -1.60 -1.07 18.61
N ARG A 168 -0.99 0.12 18.65
CA ARG A 168 -1.38 1.14 19.59
C ARG A 168 -2.30 2.13 18.90
N GLU A 169 -2.87 2.99 19.72
CA GLU A 169 -3.83 3.95 19.25
C GLU A 169 -3.23 5.24 18.68
N PRO A 170 -3.49 5.52 17.41
CA PRO A 170 -4.82 5.80 16.93
C PRO A 170 -5.17 4.56 16.04
N PHE A 171 -4.19 3.69 15.79
CA PHE A 171 -4.35 2.66 14.74
C PHE A 171 -5.23 1.48 15.08
N HIS A 172 -5.35 1.13 16.35
CA HIS A 172 -6.27 0.09 16.69
C HIS A 172 -7.72 0.47 16.38
N SER A 173 -8.14 1.68 16.75
CA SER A 173 -9.53 2.00 16.46
C SER A 173 -9.77 2.25 14.96
N ILE A 174 -8.74 2.72 14.23
CA ILE A 174 -8.84 2.89 12.77
C ILE A 174 -9.09 1.51 12.14
N LEU A 175 -8.33 0.50 12.56
CA LEU A 175 -8.49 -0.85 12.01
C LEU A 175 -9.83 -1.45 12.39
N SER A 176 -10.32 -1.08 13.57
CA SER A 176 -11.65 -1.48 13.98
C SER A 176 -12.73 -0.91 13.02
N VAL A 177 -12.68 0.38 12.71
CA VAL A 177 -13.56 0.97 11.68
C VAL A 177 -13.38 0.29 10.29
N LEU A 178 -12.15 0.06 9.89
CA LEU A 178 -11.92 -0.55 8.57
C LEU A 178 -12.56 -1.93 8.47
N SER A 179 -12.51 -2.65 9.56
CA SER A 179 -13.01 -4.00 9.53
C SER A 179 -14.53 -4.03 9.37
N GLY A 180 -15.20 -2.89 9.58
CA GLY A 180 -16.65 -2.82 9.43
C GLY A 180 -17.09 -2.23 8.10
N LEU A 181 -16.15 -1.88 7.22
CA LEU A 181 -16.52 -1.24 5.97
C LEU A 181 -17.25 -2.14 5.01
N THR A 182 -18.10 -1.51 4.20
CA THR A 182 -18.77 -2.16 3.09
C THR A 182 -17.94 -1.94 1.78
N VAL A 183 -17.31 -0.77 1.64
CA VAL A 183 -16.49 -0.44 0.48
C VAL A 183 -15.18 -1.21 0.52
N PRO A 184 -14.56 -1.45 -0.66
CA PRO A 184 -13.29 -2.21 -0.66
C PRO A 184 -12.11 -1.47 -0.01
N ILE A 185 -11.21 -2.26 0.55
CA ILE A 185 -9.95 -1.78 1.08
C ILE A 185 -8.88 -2.30 0.11
N ALA A 186 -7.95 -1.46 -0.26
CA ALA A 186 -6.70 -1.89 -0.96
C ALA A 186 -5.55 -1.75 0.02
N SER A 187 -4.84 -2.83 0.33
CA SER A 187 -3.70 -2.78 1.26
C SER A 187 -2.36 -2.73 0.52
N ILE A 188 -1.47 -1.85 0.98
CA ILE A 188 -0.14 -1.75 0.39
C ILE A 188 0.80 -2.74 1.09
N ASP A 189 1.26 -3.73 0.30
CA ASP A 189 2.30 -4.68 0.71
C ASP A 189 1.83 -5.80 1.61
N ILE A 190 1.15 -5.43 2.70
CA ILE A 190 0.64 -6.37 3.71
C ILE A 190 -0.62 -5.69 4.32
N PRO A 191 -1.68 -6.47 4.61
CA PRO A 191 -2.85 -5.87 5.27
C PRO A 191 -2.42 -5.51 6.69
N SER A 192 -2.65 -4.25 7.07
CA SER A 192 -2.16 -3.80 8.37
C SER A 192 -2.84 -4.59 9.49
N GLY A 193 -2.06 -5.01 10.48
CA GLY A 193 -2.58 -5.82 11.59
C GLY A 193 -2.42 -7.32 11.34
N TRP A 194 -1.94 -7.70 10.16
CA TRP A 194 -1.65 -9.12 9.89
C TRP A 194 -0.25 -9.47 10.33
N ASP A 195 -0.07 -10.66 10.87
CA ASP A 195 1.27 -11.20 11.00
C ASP A 195 1.89 -11.29 9.60
N VAL A 196 3.09 -10.73 9.45
CA VAL A 196 3.75 -10.64 8.13
C VAL A 196 3.96 -12.03 7.48
N GLU A 197 3.84 -13.09 8.28
CA GLU A 197 3.98 -14.42 7.72
C GLU A 197 2.69 -15.22 7.84
N LYS A 198 1.98 -15.02 8.94
CA LYS A 198 0.90 -15.88 9.34
C LYS A 198 -0.49 -15.33 8.96
N GLY A 199 -0.58 -14.06 8.57
CA GLY A 199 -1.87 -13.41 8.31
C GLY A 199 -2.65 -13.09 9.58
N ASN A 200 -3.97 -13.09 9.49
CA ASN A 200 -4.81 -12.78 10.64
C ASN A 200 -6.28 -12.94 10.27
N PRO A 201 -6.82 -14.15 10.46
CA PRO A 201 -8.22 -14.50 10.14
C PRO A 201 -9.23 -13.46 10.66
N SER A 202 -8.95 -12.87 11.81
CA SER A 202 -9.90 -11.93 12.41
C SER A 202 -9.55 -10.47 12.13
N GLY A 203 -8.52 -10.24 11.31
CA GLY A 203 -8.09 -8.88 10.97
C GLY A 203 -8.81 -8.36 9.73
N ILE A 204 -8.40 -7.21 9.19
CA ILE A 204 -9.09 -6.68 7.99
C ILE A 204 -8.89 -7.64 6.82
N GLN A 205 -9.82 -7.58 5.86
CA GLN A 205 -9.79 -8.47 4.72
C GLN A 205 -9.86 -7.63 3.45
N PRO A 206 -8.70 -7.12 2.99
CA PRO A 206 -8.71 -6.22 1.82
C PRO A 206 -9.18 -6.94 0.55
N ASP A 207 -9.85 -6.21 -0.33
CA ASP A 207 -10.27 -6.72 -1.62
C ASP A 207 -9.11 -6.71 -2.64
N LEU A 208 -8.19 -5.77 -2.46
CA LEU A 208 -6.97 -5.65 -3.28
C LEU A 208 -5.73 -5.67 -2.36
N LEU A 209 -4.73 -6.45 -2.75
CA LEU A 209 -3.42 -6.41 -2.10
C LEU A 209 -2.37 -6.06 -3.14
N ILE A 210 -1.51 -5.08 -2.87
CA ILE A 210 -0.38 -4.85 -3.78
C ILE A 210 0.90 -5.28 -3.07
N SER A 211 1.40 -6.48 -3.39
CA SER A 211 2.70 -6.92 -2.88
C SER A 211 3.79 -6.08 -3.54
N LEU A 212 4.74 -5.56 -2.76
CA LEU A 212 5.81 -4.76 -3.32
C LEU A 212 7.12 -5.56 -3.32
N THR A 213 7.83 -5.51 -4.45
CA THR A 213 9.11 -6.20 -4.63
C THR A 213 8.87 -7.69 -4.90
N ALA A 214 8.39 -8.41 -3.87
CA ALA A 214 7.98 -9.81 -3.98
C ALA A 214 6.96 -9.99 -2.87
N PRO A 215 6.01 -10.93 -3.04
CA PRO A 215 4.98 -11.10 -2.01
C PRO A 215 5.58 -11.62 -0.70
N LYS A 216 4.95 -11.26 0.43
CA LYS A 216 5.36 -11.84 1.71
C LYS A 216 4.50 -13.07 2.03
N LYS A 217 5.01 -13.94 2.91
CA LYS A 217 4.29 -15.17 3.26
C LYS A 217 2.82 -14.93 3.68
N SER A 218 2.53 -13.81 4.35
CA SER A 218 1.14 -13.49 4.70
C SER A 218 0.21 -13.42 3.50
N ALA A 219 0.76 -13.14 2.32
CA ALA A 219 -0.06 -13.06 1.11
C ALA A 219 -0.70 -14.39 0.72
N THR A 220 -0.13 -15.49 1.18
CA THR A 220 -0.77 -16.80 1.01
C THR A 220 -2.13 -16.89 1.73
N HIS A 221 -2.38 -15.99 2.68
CA HIS A 221 -3.65 -15.97 3.41
C HIS A 221 -4.61 -14.93 2.85
N PHE A 222 -4.20 -14.26 1.79
CA PHE A 222 -5.00 -13.18 1.18
C PHE A 222 -6.36 -13.70 0.75
N THR A 223 -7.44 -12.97 1.06
CA THR A 223 -8.78 -13.46 0.74
C THR A 223 -9.58 -12.61 -0.26
N GLY A 224 -8.94 -11.63 -0.90
CA GLY A 224 -9.65 -10.68 -1.74
C GLY A 224 -9.70 -11.11 -3.18
N ARG A 225 -10.18 -10.23 -4.05
CA ARG A 225 -10.29 -10.55 -5.48
C ARG A 225 -9.03 -10.25 -6.27
N TYR A 226 -8.21 -9.27 -5.84
CA TYR A 226 -7.10 -8.77 -6.66
C TYR A 226 -5.80 -8.79 -5.90
N HIS A 227 -4.84 -9.54 -6.43
CA HIS A 227 -3.49 -9.53 -5.92
C HIS A 227 -2.58 -9.13 -7.06
N TYR A 228 -2.00 -7.94 -6.95
CA TYR A 228 -1.00 -7.44 -7.89
C TYR A 228 0.35 -7.42 -7.28
N LEU A 229 1.38 -7.74 -8.09
CA LEU A 229 2.75 -7.49 -7.71
C LEU A 229 3.16 -6.12 -8.28
N GLY A 230 3.89 -5.31 -7.51
CA GLY A 230 4.35 -4.02 -8.03
C GLY A 230 5.75 -3.75 -7.55
N GLY A 231 6.30 -2.61 -7.92
CA GLY A 231 7.71 -2.37 -7.60
C GLY A 231 8.61 -3.02 -8.64
N ARG A 232 8.51 -2.57 -9.90
CA ARG A 232 9.33 -3.11 -11.00
C ARG A 232 10.70 -2.42 -11.03
N PHE A 233 11.58 -2.91 -10.15
CA PHE A 233 12.90 -2.34 -9.98
C PHE A 233 13.93 -3.39 -9.52
N VAL A 234 13.51 -4.65 -9.42
CA VAL A 234 14.37 -5.66 -8.82
C VAL A 234 15.47 -6.08 -9.81
N PRO A 235 16.73 -5.84 -9.47
CA PRO A 235 17.79 -6.27 -10.38
C PRO A 235 17.80 -7.79 -10.55
N PRO A 236 17.97 -8.30 -11.80
CA PRO A 236 18.10 -9.75 -12.02
C PRO A 236 19.07 -10.44 -11.06
N ALA A 237 20.16 -9.79 -10.69
CA ALA A 237 21.10 -10.46 -9.77
C ALA A 237 20.47 -10.71 -8.41
N LEU A 238 19.64 -9.76 -7.95
CA LEU A 238 19.00 -9.89 -6.63
C LEU A 238 17.89 -10.93 -6.76
N GLU A 239 17.14 -10.87 -7.85
CA GLU A 239 16.12 -11.86 -8.06
C GLU A 239 16.72 -13.28 -8.05
N LYS A 240 17.92 -13.42 -8.61
CA LYS A 240 18.56 -14.74 -8.69
C LYS A 240 19.05 -15.20 -7.31
N LYS A 241 19.79 -14.33 -6.63
CA LYS A 241 20.32 -14.62 -5.30
C LYS A 241 19.23 -15.12 -4.33
N TYR A 242 18.10 -14.41 -4.27
CA TYR A 242 17.02 -14.73 -3.35
C TYR A 242 15.99 -15.70 -3.93
N GLN A 243 16.24 -16.17 -5.15
CA GLN A 243 15.34 -17.09 -5.85
C GLN A 243 13.89 -16.60 -5.84
N LEU A 244 13.70 -15.33 -6.21
CA LEU A 244 12.39 -14.71 -6.14
C LEU A 244 11.42 -15.26 -7.19
N ASN A 245 11.99 -15.69 -8.31
CA ASN A 245 11.18 -16.14 -9.46
C ASN A 245 10.01 -15.25 -9.81
N LEU A 246 10.34 -13.99 -10.01
CA LEU A 246 9.35 -12.97 -10.32
C LEU A 246 8.61 -13.31 -11.61
N PRO A 247 7.31 -12.96 -11.68
CA PRO A 247 6.65 -13.11 -12.97
C PRO A 247 7.16 -12.06 -13.97
N SER A 248 6.96 -12.30 -15.27
CA SER A 248 7.27 -11.32 -16.29
C SER A 248 6.22 -10.22 -16.34
N TYR A 249 6.61 -9.00 -15.96
CA TYR A 249 5.72 -7.87 -16.13
C TYR A 249 5.48 -7.64 -17.62
N PRO A 250 4.22 -7.40 -18.02
CA PRO A 250 3.98 -7.25 -19.43
C PRO A 250 4.44 -5.89 -19.96
N ASP A 251 4.95 -5.87 -21.20
CA ASP A 251 5.38 -4.63 -21.86
C ASP A 251 6.10 -3.64 -20.89
N THR A 252 5.58 -2.42 -20.77
CA THR A 252 6.20 -1.46 -19.92
C THR A 252 5.49 -1.28 -18.55
N GLU A 253 4.64 -2.22 -18.19
CA GLU A 253 3.76 -2.04 -17.02
C GLU A 253 4.56 -2.18 -15.75
N CYS A 254 4.16 -1.43 -14.73
CA CYS A 254 4.81 -1.53 -13.40
C CYS A 254 4.01 -2.40 -12.41
N VAL A 255 2.97 -3.08 -12.88
CA VAL A 255 2.32 -4.10 -12.04
C VAL A 255 2.07 -5.39 -12.85
N TYR A 256 1.83 -6.47 -12.13
CA TYR A 256 1.47 -7.77 -12.72
C TYR A 256 0.35 -8.36 -11.86
N ARG A 257 -0.74 -8.77 -12.48
CA ARG A 257 -1.81 -9.41 -11.72
C ARG A 257 -1.53 -10.87 -11.44
N LEU A 258 -1.34 -11.19 -10.17
CA LEU A 258 -1.09 -12.57 -9.75
C LEU A 258 -2.40 -13.33 -9.66
N GLN A 259 -2.58 -14.35 -10.47
CA GLN A 259 -3.80 -15.15 -10.29
C GLN A 259 -3.36 -16.54 -9.86
S SO4 B . 6.75 0.06 7.67
O1 SO4 B . 5.47 0.71 7.95
O2 SO4 B . 6.76 -1.28 8.24
O3 SO4 B . 7.82 0.88 8.26
O4 SO4 B . 7.00 -0.11 6.25
CL CL C . -1.84 3.00 22.96
#